data_1NNL
#
_entry.id   1NNL
#
_cell.length_a   49.033
_cell.length_b   130.249
_cell.length_c   157.293
_cell.angle_alpha   90.00
_cell.angle_beta   90.00
_cell.angle_gamma   90.00
#
_symmetry.space_group_name_H-M   'C 2 2 21'
#
loop_
_entity.id
_entity.type
_entity.pdbx_description
1 polymer 'L-3-phosphoserine phosphatase'
2 non-polymer 'CHLORIDE ION'
3 non-polymer 'CALCIUM ION'
4 water water
#
_entity_poly.entity_id   1
_entity_poly.type   'polypeptide(L)'
_entity_poly.pdbx_seq_one_letter_code
;MISHSELRKLFYSADAVCFDVDSTVIREEGIDELAKICGVEDAVSEMTRRAMGGAVPFKAALTERLALIQPSREQVQRLI
AEQPPHLTPGIRELVSRLQERNVQVFLISGGFRSIVEHVASKLNIPATNVFANRLKFYFNGEYAGFDETQPTAESGGKGK
VIKLLKEKFHFKKIIMIGDGATDMEACPPADAFIGFGGNVIRQQVKDNAKWYITDFVELLGELEE
;
_entity_poly.pdbx_strand_id   A,B
#
loop_
_chem_comp.id
_chem_comp.type
_chem_comp.name
_chem_comp.formula
CA non-polymer 'CALCIUM ION' 'Ca 2'
CL non-polymer 'CHLORIDE ION' 'Cl -1'
#
# COMPACT_ATOMS: atom_id res chain seq x y z
N SER A 5 -31.76 -5.43 -3.29
CA SER A 5 -32.45 -6.67 -2.83
C SER A 5 -31.46 -7.83 -2.74
N GLU A 6 -30.49 -7.85 -3.66
CA GLU A 6 -29.49 -8.90 -3.69
C GLU A 6 -28.71 -8.92 -2.37
N LEU A 7 -28.30 -7.73 -1.93
CA LEU A 7 -27.55 -7.59 -0.68
C LEU A 7 -28.37 -8.13 0.49
N ARG A 8 -29.62 -7.70 0.58
CA ARG A 8 -30.50 -8.15 1.65
C ARG A 8 -30.76 -9.65 1.61
N LYS A 9 -30.85 -10.21 0.40
CA LYS A 9 -31.07 -11.63 0.26
C LYS A 9 -29.90 -12.38 0.88
N LEU A 10 -28.69 -11.90 0.59
CA LEU A 10 -27.48 -12.51 1.12
C LEU A 10 -27.43 -12.36 2.63
N PHE A 11 -27.58 -11.12 3.10
CA PHE A 11 -27.55 -10.83 4.52
C PHE A 11 -28.52 -11.70 5.30
N TYR A 12 -29.73 -11.84 4.79
CA TYR A 12 -30.77 -12.64 5.44
C TYR A 12 -30.55 -14.15 5.36
N SER A 13 -29.65 -14.60 4.49
CA SER A 13 -29.39 -16.03 4.37
C SER A 13 -28.37 -16.49 5.40
N ALA A 14 -27.78 -15.54 6.11
CA ALA A 14 -26.78 -15.87 7.11
C ALA A 14 -27.35 -16.46 8.39
N ASP A 15 -26.68 -17.47 8.93
CA ASP A 15 -27.12 -18.03 10.19
C ASP A 15 -26.21 -17.51 11.30
N ALA A 16 -25.13 -16.84 10.92
CA ALA A 16 -24.22 -16.23 11.87
C ALA A 16 -23.61 -14.99 11.22
N VAL A 17 -23.52 -13.91 11.99
CA VAL A 17 -22.93 -12.67 11.50
C VAL A 17 -21.91 -12.21 12.52
N CYS A 18 -20.68 -12.01 12.04
CA CYS A 18 -19.58 -11.54 12.88
C CYS A 18 -19.28 -10.10 12.55
N PHE A 19 -19.30 -9.25 13.58
CA PHE A 19 -18.99 -7.84 13.38
C PHE A 19 -17.66 -7.44 13.97
N ASP A 20 -16.94 -6.64 13.19
CA ASP A 20 -15.69 -6.03 13.64
C ASP A 20 -16.23 -4.95 14.58
N VAL A 21 -15.45 -4.54 15.58
CA VAL A 21 -15.92 -3.53 16.53
C VAL A 21 -15.52 -2.11 16.19
N ASP A 22 -14.21 -1.82 16.24
CA ASP A 22 -13.70 -0.48 15.97
C ASP A 22 -14.02 0.02 14.57
N SER A 23 -14.76 1.14 14.51
CA SER A 23 -15.19 1.80 13.28
C SER A 23 -16.36 1.11 12.58
N THR A 24 -16.84 0.01 13.14
CA THR A 24 -17.99 -0.67 12.55
C THR A 24 -19.15 -0.63 13.54
N VAL A 25 -19.08 -1.41 14.61
CA VAL A 25 -20.13 -1.41 15.63
C VAL A 25 -20.08 -0.12 16.45
N ILE A 26 -18.87 0.41 16.64
CA ILE A 26 -18.71 1.67 17.36
C ILE A 26 -17.98 2.65 16.46
N ARG A 27 -18.10 3.94 16.77
CA ARG A 27 -17.45 4.96 15.96
C ARG A 27 -15.95 5.06 16.21
N GLU A 28 -15.55 4.85 17.46
CA GLU A 28 -14.13 4.97 17.82
C GLU A 28 -13.32 3.69 17.71
N GLU A 29 -12.09 3.78 18.23
CA GLU A 29 -11.14 2.68 18.27
C GLU A 29 -10.77 2.50 19.75
N GLY A 30 -11.16 1.37 20.33
CA GLY A 30 -10.87 1.11 21.72
C GLY A 30 -9.48 1.48 22.22
N ILE A 31 -8.46 0.90 21.61
CA ILE A 31 -7.08 1.16 22.01
C ILE A 31 -6.72 2.65 21.94
N ASP A 32 -7.33 3.35 20.99
CA ASP A 32 -7.09 4.79 20.84
C ASP A 32 -7.60 5.52 22.07
N GLU A 33 -8.81 5.17 22.50
CA GLU A 33 -9.42 5.79 23.67
C GLU A 33 -8.61 5.50 24.93
N LEU A 34 -8.12 4.27 25.05
CA LEU A 34 -7.33 3.88 26.21
C LEU A 34 -6.04 4.69 26.25
N ALA A 35 -5.48 4.96 25.07
CA ALA A 35 -4.25 5.73 24.98
C ALA A 35 -4.47 7.15 25.48
N LYS A 36 -5.65 7.70 25.18
CA LYS A 36 -5.99 9.05 25.59
C LYS A 36 -6.16 9.15 27.12
N ILE A 37 -6.91 8.21 27.69
CA ILE A 37 -7.13 8.21 29.13
C ILE A 37 -5.82 8.06 29.89
N CYS A 38 -4.84 7.41 29.28
CA CYS A 38 -3.54 7.20 29.90
C CYS A 38 -2.57 8.32 29.55
N GLY A 39 -3.01 9.23 28.68
CA GLY A 39 -2.18 10.36 28.29
C GLY A 39 -0.97 10.03 27.43
N VAL A 40 -1.19 9.25 26.37
CA VAL A 40 -0.10 8.88 25.47
C VAL A 40 -0.55 8.90 24.01
N GLU A 41 -1.61 9.65 23.73
CA GLU A 41 -2.13 9.76 22.38
C GLU A 41 -1.09 10.34 21.45
N ASP A 42 -0.45 11.43 21.88
CA ASP A 42 0.59 12.09 21.09
C ASP A 42 1.75 11.15 20.81
N ALA A 43 2.18 10.41 21.85
CA ALA A 43 3.28 9.47 21.71
C ALA A 43 2.86 8.23 20.94
N VAL A 44 1.55 8.06 20.79
CA VAL A 44 1.04 6.90 20.07
C VAL A 44 1.21 7.04 18.57
N PRO A 57 4.09 -7.32 11.97
CA PRO A 57 3.21 -8.29 12.61
C PRO A 57 2.22 -7.62 13.57
N PHE A 58 1.03 -8.20 13.68
CA PHE A 58 0.01 -7.66 14.56
C PHE A 58 0.41 -7.77 16.02
N LYS A 59 0.87 -8.96 16.41
CA LYS A 59 1.28 -9.22 17.80
C LYS A 59 2.38 -8.26 18.25
N ALA A 60 3.38 -8.08 17.40
CA ALA A 60 4.50 -7.19 17.72
C ALA A 60 4.02 -5.76 17.86
N ALA A 61 3.10 -5.35 16.98
CA ALA A 61 2.57 -4.00 17.01
C ALA A 61 1.78 -3.79 18.30
N LEU A 62 0.94 -4.76 18.64
CA LEU A 62 0.14 -4.69 19.84
C LEU A 62 1.00 -4.52 21.09
N THR A 63 2.06 -5.33 21.19
CA THR A 63 2.96 -5.26 22.34
C THR A 63 3.58 -3.86 22.44
N GLU A 64 4.03 -3.34 21.31
CA GLU A 64 4.65 -2.01 21.26
C GLU A 64 3.70 -0.94 21.77
N ARG A 65 2.48 -0.92 21.23
CA ARG A 65 1.49 0.08 21.63
C ARG A 65 1.17 0.01 23.11
N LEU A 66 0.96 -1.20 23.62
CA LEU A 66 0.64 -1.38 25.03
C LEU A 66 1.86 -1.07 25.91
N ALA A 67 3.06 -1.23 25.34
CA ALA A 67 4.29 -0.97 26.08
C ALA A 67 4.38 0.51 26.44
N LEU A 68 3.85 1.36 25.56
CA LEU A 68 3.87 2.80 25.78
C LEU A 68 2.69 3.21 26.67
N ILE A 69 1.55 2.57 26.46
CA ILE A 69 0.36 2.85 27.23
C ILE A 69 0.43 2.33 28.66
N GLN A 70 0.79 1.05 28.79
CA GLN A 70 0.89 0.40 30.10
C GLN A 70 -0.33 0.76 30.96
N PRO A 71 -1.53 0.42 30.47
CA PRO A 71 -2.78 0.71 31.18
C PRO A 71 -2.97 -0.12 32.45
N SER A 72 -3.32 0.56 33.54
CA SER A 72 -3.56 -0.11 34.81
C SER A 72 -5.04 -0.52 34.81
N ARG A 73 -5.40 -1.43 35.70
CA ARG A 73 -6.79 -1.86 35.76
C ARG A 73 -7.71 -0.67 36.07
N GLU A 74 -7.23 0.21 36.94
CA GLU A 74 -8.00 1.39 37.33
C GLU A 74 -8.27 2.28 36.12
N GLN A 75 -7.26 2.43 35.26
CA GLN A 75 -7.38 3.26 34.07
C GLN A 75 -8.37 2.65 33.07
N VAL A 76 -8.35 1.34 32.94
CA VAL A 76 -9.29 0.67 32.04
C VAL A 76 -10.70 0.85 32.61
N GLN A 77 -10.81 0.76 33.93
CA GLN A 77 -12.09 0.92 34.60
C GLN A 77 -12.59 2.34 34.34
N ARG A 78 -11.67 3.30 34.37
CA ARG A 78 -12.01 4.71 34.12
C ARG A 78 -12.56 4.88 32.71
N LEU A 79 -11.86 4.32 31.74
CA LEU A 79 -12.29 4.41 30.34
C LEU A 79 -13.72 3.93 30.20
N ILE A 80 -13.98 2.74 30.72
CA ILE A 80 -15.31 2.14 30.64
C ILE A 80 -16.40 3.01 31.27
N ALA A 81 -16.13 3.54 32.47
CA ALA A 81 -17.10 4.36 33.16
C ALA A 81 -17.19 5.81 32.66
N GLU A 82 -16.04 6.40 32.36
CA GLU A 82 -16.00 7.79 31.91
C GLU A 82 -16.17 8.03 30.41
N GLN A 83 -15.60 7.15 29.60
CA GLN A 83 -15.67 7.33 28.14
C GLN A 83 -16.21 6.14 27.35
N PRO A 84 -17.46 5.75 27.60
CA PRO A 84 -18.00 4.61 26.84
C PRO A 84 -18.03 4.93 25.35
N PRO A 85 -17.84 3.91 24.50
CA PRO A 85 -17.85 4.14 23.06
C PRO A 85 -19.24 4.46 22.54
N HIS A 86 -19.30 5.10 21.38
CA HIS A 86 -20.56 5.45 20.77
C HIS A 86 -20.94 4.41 19.74
N LEU A 87 -22.09 3.77 19.94
CA LEU A 87 -22.53 2.77 18.97
C LEU A 87 -22.91 3.48 17.68
N THR A 88 -22.52 2.87 16.56
CA THR A 88 -22.81 3.41 15.25
C THR A 88 -24.32 3.45 15.05
N PRO A 89 -24.84 4.52 14.45
CA PRO A 89 -26.29 4.59 14.24
C PRO A 89 -26.76 3.34 13.50
N GLY A 90 -27.88 2.79 13.95
CA GLY A 90 -28.45 1.63 13.31
C GLY A 90 -28.00 0.26 13.80
N ILE A 91 -26.87 0.17 14.50
CA ILE A 91 -26.41 -1.16 14.92
C ILE A 91 -27.30 -1.80 15.98
N ARG A 92 -27.86 -0.99 16.88
CA ARG A 92 -28.74 -1.57 17.91
C ARG A 92 -29.94 -2.21 17.24
N GLU A 93 -30.57 -1.51 16.29
CA GLU A 93 -31.74 -2.05 15.62
C GLU A 93 -31.37 -3.24 14.75
N LEU A 94 -30.23 -3.17 14.07
CA LEU A 94 -29.81 -4.27 13.21
C LEU A 94 -29.56 -5.55 14.01
N VAL A 95 -28.83 -5.45 15.11
CA VAL A 95 -28.56 -6.63 15.94
C VAL A 95 -29.87 -7.15 16.53
N SER A 96 -30.77 -6.24 16.90
CA SER A 96 -32.05 -6.64 17.45
C SER A 96 -32.83 -7.48 16.44
N ARG A 97 -32.84 -7.04 15.18
CA ARG A 97 -33.53 -7.78 14.14
C ARG A 97 -32.87 -9.14 13.89
N LEU A 98 -31.54 -9.16 13.93
CA LEU A 98 -30.82 -10.41 13.71
C LEU A 98 -31.16 -11.39 14.80
N GLN A 99 -31.16 -10.94 16.04
CA GLN A 99 -31.46 -11.83 17.15
C GLN A 99 -32.91 -12.30 17.14
N GLU A 100 -33.82 -11.45 16.68
CA GLU A 100 -35.23 -11.84 16.63
C GLU A 100 -35.42 -12.94 15.56
N ARG A 101 -34.50 -13.02 14.62
CA ARG A 101 -34.53 -14.04 13.57
C ARG A 101 -33.62 -15.21 13.93
N ASN A 102 -33.13 -15.20 15.17
CA ASN A 102 -32.22 -16.23 15.69
C ASN A 102 -30.87 -16.35 14.99
N VAL A 103 -30.43 -15.28 14.34
CA VAL A 103 -29.12 -15.29 13.71
C VAL A 103 -28.12 -15.10 14.85
N GLN A 104 -27.08 -15.93 14.89
CA GLN A 104 -26.09 -15.83 15.94
C GLN A 104 -25.15 -14.67 15.64
N VAL A 105 -25.01 -13.75 16.60
CA VAL A 105 -24.20 -12.57 16.41
C VAL A 105 -22.93 -12.58 17.26
N PHE A 106 -21.81 -12.28 16.62
CA PHE A 106 -20.53 -12.27 17.29
C PHE A 106 -19.81 -10.95 17.10
N LEU A 107 -18.93 -10.63 18.05
CA LEU A 107 -18.10 -9.43 17.96
C LEU A 107 -16.67 -9.95 17.98
N ILE A 108 -15.86 -9.49 17.02
CA ILE A 108 -14.46 -9.90 16.96
C ILE A 108 -13.62 -8.64 16.87
N SER A 109 -12.62 -8.52 17.72
CA SER A 109 -11.80 -7.34 17.72
C SER A 109 -10.38 -7.59 18.17
N GLY A 110 -9.46 -6.78 17.66
CA GLY A 110 -8.07 -6.88 18.05
C GLY A 110 -7.95 -6.01 19.28
N GLY A 111 -9.09 -5.46 19.70
CA GLY A 111 -9.18 -4.64 20.90
C GLY A 111 -9.25 -5.53 22.13
N PHE A 112 -9.80 -4.99 23.22
CA PHE A 112 -9.84 -5.73 24.48
C PHE A 112 -11.20 -6.10 25.05
N ARG A 113 -11.28 -7.33 25.56
CA ARG A 113 -12.49 -7.89 26.12
C ARG A 113 -13.19 -7.01 27.15
N SER A 114 -12.42 -6.43 28.06
CA SER A 114 -13.00 -5.59 29.10
C SER A 114 -13.87 -4.48 28.49
N ILE A 115 -13.40 -3.93 27.38
CA ILE A 115 -14.11 -2.86 26.70
C ILE A 115 -15.19 -3.42 25.76
N VAL A 116 -14.83 -4.42 24.97
CA VAL A 116 -15.77 -5.00 24.03
C VAL A 116 -16.97 -5.66 24.72
N GLU A 117 -16.78 -6.23 25.91
CA GLU A 117 -17.91 -6.84 26.60
C GLU A 117 -18.97 -5.82 26.97
N HIS A 118 -18.57 -4.56 27.16
CA HIS A 118 -19.55 -3.54 27.47
C HIS A 118 -20.37 -3.19 26.24
N VAL A 119 -19.73 -3.24 25.08
CA VAL A 119 -20.42 -2.97 23.83
C VAL A 119 -21.38 -4.14 23.61
N ALA A 120 -20.88 -5.35 23.87
CA ALA A 120 -21.70 -6.55 23.69
C ALA A 120 -22.94 -6.50 24.58
N SER A 121 -22.76 -6.12 25.84
CA SER A 121 -23.88 -6.06 26.77
C SER A 121 -24.97 -5.10 26.30
N LYS A 122 -24.59 -3.97 25.71
CA LYS A 122 -25.56 -3.01 25.23
C LYS A 122 -26.35 -3.56 24.04
N LEU A 123 -25.77 -4.56 23.38
CA LEU A 123 -26.39 -5.18 22.22
C LEU A 123 -26.96 -6.57 22.51
N ASN A 124 -26.96 -6.96 23.79
CA ASN A 124 -27.47 -8.25 24.21
C ASN A 124 -26.74 -9.41 23.57
N ILE A 125 -25.46 -9.19 23.27
CA ILE A 125 -24.62 -10.23 22.68
C ILE A 125 -23.90 -10.86 23.86
N PRO A 126 -24.10 -12.17 24.08
CA PRO A 126 -23.44 -12.84 25.21
C PRO A 126 -21.93 -12.79 25.13
N ALA A 127 -21.28 -12.78 26.30
CA ALA A 127 -19.83 -12.74 26.37
C ALA A 127 -19.18 -13.93 25.66
N THR A 128 -19.93 -15.04 25.56
CA THR A 128 -19.43 -16.23 24.88
C THR A 128 -19.26 -15.95 23.39
N ASN A 129 -19.91 -14.90 22.91
CA ASN A 129 -19.88 -14.53 21.50
C ASN A 129 -18.92 -13.39 21.21
N VAL A 130 -18.10 -13.05 22.19
CA VAL A 130 -17.13 -11.98 22.05
C VAL A 130 -15.74 -12.59 21.97
N PHE A 131 -14.99 -12.19 20.95
CA PHE A 131 -13.62 -12.66 20.78
C PHE A 131 -12.73 -11.43 20.67
N ALA A 132 -11.87 -11.24 21.66
CA ALA A 132 -10.98 -10.10 21.68
C ALA A 132 -9.77 -10.43 22.54
N ASN A 133 -8.85 -9.48 22.63
CA ASN A 133 -7.67 -9.71 23.44
C ASN A 133 -7.97 -9.47 24.91
N ARG A 134 -7.14 -10.03 25.78
CA ARG A 134 -7.33 -9.90 27.22
C ARG A 134 -6.11 -9.29 27.87
N LEU A 135 -6.29 -8.14 28.52
CA LEU A 135 -5.20 -7.47 29.20
C LEU A 135 -4.91 -8.19 30.52
N LYS A 136 -3.66 -8.16 30.95
CA LYS A 136 -3.26 -8.78 32.21
C LYS A 136 -2.83 -7.68 33.17
N PHE A 137 -3.05 -7.90 34.46
CA PHE A 137 -2.70 -6.91 35.48
C PHE A 137 -2.09 -7.60 36.69
N TYR A 138 -1.18 -6.92 37.35
CA TYR A 138 -0.57 -7.47 38.54
C TYR A 138 -1.56 -7.26 39.69
N PHE A 139 -1.25 -7.82 40.85
CA PHE A 139 -2.13 -7.69 42.00
C PHE A 139 -2.52 -6.23 42.29
N ASN A 140 -1.55 -5.33 42.18
CA ASN A 140 -1.80 -3.91 42.44
C ASN A 140 -2.45 -3.18 41.28
N GLY A 141 -2.76 -3.92 40.21
CA GLY A 141 -3.42 -3.31 39.06
C GLY A 141 -2.54 -2.88 37.91
N GLU A 142 -1.23 -2.84 38.12
CA GLU A 142 -0.31 -2.43 37.07
C GLU A 142 -0.37 -3.33 35.84
N TYR A 143 -0.16 -2.74 34.67
CA TYR A 143 -0.18 -3.47 33.41
C TYR A 143 0.81 -4.64 33.46
N ALA A 144 0.33 -5.83 33.10
CA ALA A 144 1.17 -7.02 33.13
C ALA A 144 1.26 -7.76 31.80
N GLY A 145 0.76 -7.14 30.73
CA GLY A 145 0.80 -7.77 29.42
C GLY A 145 -0.57 -8.15 28.90
N PHE A 146 -0.63 -9.15 28.02
CA PHE A 146 -1.89 -9.60 27.47
C PHE A 146 -1.83 -11.07 27.07
N ASP A 147 -2.98 -11.70 26.94
CA ASP A 147 -3.05 -13.11 26.58
C ASP A 147 -2.64 -13.34 25.13
N GLU A 148 -1.40 -13.73 24.93
CA GLU A 148 -0.85 -13.96 23.61
C GLU A 148 -1.34 -15.25 22.93
N THR A 149 -2.18 -16.01 23.62
CA THR A 149 -2.71 -17.25 23.07
C THR A 149 -4.05 -17.03 22.36
N GLN A 150 -4.59 -15.82 22.49
CA GLN A 150 -5.86 -15.48 21.86
C GLN A 150 -5.67 -15.38 20.35
N PRO A 151 -6.64 -15.89 19.57
CA PRO A 151 -6.54 -15.82 18.11
C PRO A 151 -6.38 -14.37 17.65
N THR A 152 -7.08 -13.47 18.34
CA THR A 152 -7.06 -12.06 18.03
C THR A 152 -5.74 -11.36 18.38
N ALA A 153 -4.82 -12.09 18.97
CA ALA A 153 -3.53 -11.53 19.34
C ALA A 153 -2.52 -11.65 18.20
N GLU A 154 -2.89 -12.38 17.15
CA GLU A 154 -2.00 -12.57 16.01
C GLU A 154 -2.67 -12.13 14.71
N SER A 155 -1.86 -11.99 13.66
CA SER A 155 -2.39 -11.59 12.36
C SER A 155 -3.35 -12.66 11.86
N GLY A 156 -4.42 -12.22 11.21
CA GLY A 156 -5.41 -13.15 10.69
C GLY A 156 -6.31 -13.71 11.78
N GLY A 157 -6.32 -13.05 12.92
CA GLY A 157 -7.14 -13.50 14.04
C GLY A 157 -8.63 -13.60 13.76
N LYS A 158 -9.18 -12.68 12.97
CA LYS A 158 -10.60 -12.73 12.67
C LYS A 158 -10.95 -13.99 11.91
N GLY A 159 -10.13 -14.34 10.92
CA GLY A 159 -10.38 -15.56 10.17
C GLY A 159 -10.26 -16.79 11.06
N LYS A 160 -9.28 -16.77 11.96
CA LYS A 160 -9.08 -17.91 12.85
C LYS A 160 -10.29 -18.10 13.77
N VAL A 161 -10.86 -16.99 14.24
CA VAL A 161 -12.04 -17.06 15.09
C VAL A 161 -13.20 -17.67 14.32
N ILE A 162 -13.38 -17.23 13.08
CA ILE A 162 -14.48 -17.75 12.28
C ILE A 162 -14.27 -19.24 11.99
N LYS A 163 -13.02 -19.65 11.79
CA LYS A 163 -12.73 -21.06 11.54
C LYS A 163 -13.17 -21.86 12.76
N LEU A 164 -12.82 -21.36 13.95
CA LEU A 164 -13.19 -22.04 15.18
C LEU A 164 -14.72 -22.13 15.35
N LEU A 165 -15.41 -21.04 15.01
CA LEU A 165 -16.86 -21.03 15.11
C LEU A 165 -17.48 -22.05 14.16
N LYS A 166 -16.93 -22.16 12.96
CA LYS A 166 -17.44 -23.10 11.97
C LYS A 166 -17.21 -24.52 12.47
N GLU A 167 -16.07 -24.78 13.10
CA GLU A 167 -15.77 -26.12 13.60
C GLU A 167 -16.59 -26.49 14.83
N LYS A 168 -17.03 -25.49 15.60
CA LYS A 168 -17.80 -25.75 16.80
C LYS A 168 -19.31 -25.83 16.57
N PHE A 169 -19.83 -24.91 15.77
CA PHE A 169 -21.26 -24.84 15.52
C PHE A 169 -21.73 -25.24 14.13
N HIS A 170 -20.79 -25.44 13.20
CA HIS A 170 -21.11 -25.82 11.84
C HIS A 170 -22.08 -24.89 11.12
N PHE A 171 -21.90 -23.58 11.32
CA PHE A 171 -22.77 -22.61 10.66
C PHE A 171 -22.67 -22.81 9.14
N LYS A 172 -23.81 -22.73 8.47
CA LYS A 172 -23.84 -22.91 7.02
C LYS A 172 -23.54 -21.64 6.24
N LYS A 173 -23.76 -20.49 6.86
CA LYS A 173 -23.51 -19.23 6.19
C LYS A 173 -23.11 -18.15 7.19
N ILE A 174 -21.81 -18.04 7.41
CA ILE A 174 -21.28 -17.05 8.36
C ILE A 174 -20.70 -15.88 7.57
N ILE A 175 -21.22 -14.69 7.87
CA ILE A 175 -20.79 -13.47 7.19
C ILE A 175 -20.00 -12.56 8.12
N MET A 176 -18.96 -11.95 7.57
CA MET A 176 -18.12 -11.01 8.31
C MET A 176 -18.47 -9.61 7.84
N ILE A 177 -18.64 -8.69 8.79
CA ILE A 177 -18.97 -7.30 8.47
C ILE A 177 -17.95 -6.41 9.15
N GLY A 178 -17.24 -5.61 8.37
CA GLY A 178 -16.22 -4.76 8.95
C GLY A 178 -15.80 -3.68 7.98
N ASP A 179 -14.99 -2.75 8.47
CA ASP A 179 -14.55 -1.62 7.68
C ASP A 179 -13.20 -1.77 7.01
N GLY A 180 -12.35 -2.64 7.55
CA GLY A 180 -11.00 -2.75 7.00
C GLY A 180 -10.54 -4.00 6.30
N ALA A 181 -9.28 -3.96 5.89
CA ALA A 181 -8.65 -5.06 5.19
C ALA A 181 -8.67 -6.36 5.99
N THR A 182 -8.45 -6.26 7.30
CA THR A 182 -8.45 -7.48 8.12
C THR A 182 -9.83 -8.14 8.09
N ASP A 183 -10.88 -7.34 7.90
CA ASP A 183 -12.22 -7.90 7.85
C ASP A 183 -12.46 -8.57 6.51
N MET A 184 -12.05 -7.91 5.45
CA MET A 184 -12.22 -8.45 4.10
C MET A 184 -11.42 -9.75 3.98
N GLU A 185 -10.28 -9.79 4.65
CA GLU A 185 -9.42 -10.96 4.62
C GLU A 185 -9.95 -12.11 5.44
N ALA A 186 -11.04 -11.89 6.17
CA ALA A 186 -11.61 -12.97 6.98
C ALA A 186 -12.54 -13.83 6.12
N CYS A 187 -12.64 -13.48 4.83
CA CYS A 187 -13.45 -14.23 3.89
C CYS A 187 -12.58 -14.65 2.71
N PRO A 188 -12.18 -15.93 2.63
CA PRO A 188 -12.48 -17.04 3.55
C PRO A 188 -11.74 -16.90 4.88
N PRO A 189 -12.10 -17.69 5.91
CA PRO A 189 -13.13 -18.73 5.96
C PRO A 189 -14.59 -18.30 6.01
N ALA A 190 -14.86 -17.01 6.20
CA ALA A 190 -16.26 -16.58 6.20
C ALA A 190 -16.84 -16.88 4.83
N ASP A 191 -18.16 -17.03 4.76
CA ASP A 191 -18.82 -17.35 3.50
C ASP A 191 -19.10 -16.12 2.66
N ALA A 192 -19.09 -14.96 3.30
CA ALA A 192 -19.32 -13.70 2.62
C ALA A 192 -18.80 -12.57 3.47
N PHE A 193 -18.53 -11.45 2.83
CA PHE A 193 -18.04 -10.27 3.51
C PHE A 193 -18.82 -9.04 3.06
N ILE A 194 -19.20 -8.22 4.04
CA ILE A 194 -19.88 -6.97 3.73
C ILE A 194 -19.07 -5.84 4.34
N GLY A 195 -18.52 -4.99 3.47
CA GLY A 195 -17.72 -3.88 3.94
C GLY A 195 -18.59 -2.77 4.50
N PHE A 196 -18.07 -2.07 5.50
CA PHE A 196 -18.84 -1.00 6.14
C PHE A 196 -18.06 0.31 6.19
N GLY A 197 -18.62 1.35 5.56
CA GLY A 197 -17.96 2.65 5.56
C GLY A 197 -18.77 3.76 6.20
N GLY A 198 -19.71 3.40 7.06
CA GLY A 198 -20.55 4.38 7.72
C GLY A 198 -19.80 5.37 8.58
N ASN A 199 -18.70 4.95 9.19
CA ASN A 199 -17.92 5.87 10.00
C ASN A 199 -16.79 6.46 9.20
N VAL A 200 -15.99 5.59 8.59
CA VAL A 200 -14.90 6.03 7.74
C VAL A 200 -14.81 5.04 6.58
N ILE A 201 -14.67 5.56 5.37
CA ILE A 201 -14.57 4.73 4.19
C ILE A 201 -13.13 4.37 3.92
N ARG A 202 -12.82 3.07 3.95
CA ARG A 202 -11.47 2.63 3.61
C ARG A 202 -11.62 2.24 2.15
N GLN A 203 -11.11 3.11 1.28
CA GLN A 203 -11.24 2.92 -0.14
C GLN A 203 -10.80 1.57 -0.70
N GLN A 204 -9.72 1.01 -0.17
CA GLN A 204 -9.25 -0.28 -0.66
C GLN A 204 -10.32 -1.35 -0.48
N VAL A 205 -11.06 -1.26 0.62
CA VAL A 205 -12.12 -2.21 0.88
C VAL A 205 -13.30 -1.94 -0.05
N LYS A 206 -13.70 -0.68 -0.16
CA LYS A 206 -14.82 -0.30 -1.02
C LYS A 206 -14.59 -0.71 -2.48
N ASP A 207 -13.35 -0.56 -2.95
CA ASP A 207 -13.05 -0.91 -4.34
C ASP A 207 -12.98 -2.40 -4.62
N ASN A 208 -12.67 -3.20 -3.60
CA ASN A 208 -12.52 -4.63 -3.81
C ASN A 208 -13.62 -5.54 -3.26
N ALA A 209 -14.37 -5.06 -2.28
CA ALA A 209 -15.43 -5.86 -1.69
C ALA A 209 -16.59 -6.05 -2.67
N LYS A 210 -17.21 -7.22 -2.63
CA LYS A 210 -18.34 -7.51 -3.50
C LYS A 210 -19.58 -6.80 -2.95
N TRP A 211 -19.64 -6.69 -1.62
CA TRP A 211 -20.76 -6.03 -0.95
C TRP A 211 -20.18 -4.93 -0.06
N TYR A 212 -20.78 -3.75 -0.12
CA TYR A 212 -20.30 -2.63 0.67
C TYR A 212 -21.44 -1.67 0.97
N ILE A 213 -21.55 -1.26 2.23
CA ILE A 213 -22.59 -0.33 2.65
C ILE A 213 -22.00 0.78 3.50
N THR A 214 -22.73 1.89 3.62
CA THR A 214 -22.28 3.01 4.43
C THR A 214 -23.29 3.38 5.51
N ASP A 215 -24.38 2.61 5.59
CA ASP A 215 -25.40 2.84 6.59
C ASP A 215 -26.05 1.49 6.91
N PHE A 216 -26.08 1.13 8.19
CA PHE A 216 -26.66 -0.16 8.57
C PHE A 216 -28.13 -0.30 8.21
N VAL A 217 -28.80 0.83 8.01
CA VAL A 217 -30.21 0.83 7.66
C VAL A 217 -30.42 0.06 6.35
N GLU A 218 -29.45 0.15 5.45
CA GLU A 218 -29.55 -0.54 4.16
C GLU A 218 -29.77 -2.03 4.33
N LEU A 219 -29.32 -2.59 5.45
CA LEU A 219 -29.50 -4.00 5.71
C LEU A 219 -30.85 -4.22 6.41
N LEU A 220 -31.40 -3.14 6.95
CA LEU A 220 -32.69 -3.19 7.63
C LEU A 220 -33.82 -3.20 6.61
N GLY A 221 -33.88 -4.27 5.82
CA GLY A 221 -34.92 -4.39 4.81
C GLY A 221 -36.19 -5.04 5.32
N SER B 5 13.52 -1.55 8.76
CA SER B 5 12.89 -2.86 8.42
C SER B 5 11.66 -2.66 7.53
N GLU B 6 10.93 -1.58 7.80
CA GLU B 6 9.73 -1.28 7.03
C GLU B 6 10.08 -1.04 5.56
N LEU B 7 11.34 -0.70 5.30
CA LEU B 7 11.80 -0.44 3.95
C LEU B 7 11.82 -1.73 3.14
N ARG B 8 12.38 -2.80 3.70
CA ARG B 8 12.44 -4.08 3.02
C ARG B 8 11.03 -4.67 3.01
N LYS B 9 10.24 -4.31 4.01
CA LYS B 9 8.87 -4.78 4.13
C LYS B 9 8.08 -4.24 2.94
N LEU B 10 8.50 -3.08 2.46
CA LEU B 10 7.84 -2.44 1.32
C LEU B 10 8.01 -3.33 0.08
N PHE B 11 9.08 -4.12 0.06
CA PHE B 11 9.33 -5.00 -1.07
C PHE B 11 8.66 -6.36 -0.89
N TYR B 12 7.99 -6.55 0.24
CA TYR B 12 7.32 -7.82 0.49
C TYR B 12 6.14 -7.98 -0.46
N SER B 13 6.06 -9.13 -1.12
CA SER B 13 4.99 -9.43 -2.06
C SER B 13 4.92 -8.50 -3.27
N ALA B 14 5.94 -7.68 -3.46
CA ALA B 14 5.95 -6.78 -4.61
C ALA B 14 6.09 -7.62 -5.87
N ASP B 15 5.33 -7.30 -6.91
CA ASP B 15 5.46 -8.11 -8.11
C ASP B 15 6.11 -7.40 -9.27
N ALA B 16 6.30 -6.09 -9.14
CA ALA B 16 6.96 -5.33 -10.18
C ALA B 16 7.62 -4.09 -9.59
N VAL B 17 8.81 -3.77 -10.08
CA VAL B 17 9.53 -2.58 -9.65
C VAL B 17 9.97 -1.84 -10.89
N CYS B 18 9.57 -0.57 -11.00
CA CYS B 18 9.94 0.26 -12.14
C CYS B 18 10.94 1.29 -11.70
N PHE B 19 12.06 1.37 -12.41
CA PHE B 19 13.10 2.34 -12.10
C PHE B 19 13.21 3.45 -13.14
N ASP B 20 13.31 4.67 -12.64
CA ASP B 20 13.54 5.83 -13.48
C ASP B 20 15.01 5.60 -13.85
N VAL B 21 15.43 6.06 -15.03
CA VAL B 21 16.83 5.84 -15.42
C VAL B 21 17.75 7.02 -15.09
N ASP B 22 17.50 8.17 -15.72
CA ASP B 22 18.34 9.36 -15.50
C ASP B 22 18.40 9.80 -14.04
N SER B 23 19.62 9.79 -13.49
CA SER B 23 19.88 10.19 -12.10
C SER B 23 19.48 9.17 -11.04
N THR B 24 18.94 8.04 -11.49
CA THR B 24 18.54 6.99 -10.57
C THR B 24 19.37 5.72 -10.84
N VAL B 25 19.06 5.01 -11.93
CA VAL B 25 19.79 3.80 -12.28
C VAL B 25 21.21 4.17 -12.71
N ILE B 26 21.35 5.33 -13.37
CA ILE B 26 22.64 5.82 -13.79
C ILE B 26 22.89 7.15 -13.10
N ARG B 27 24.15 7.55 -13.00
CA ARG B 27 24.50 8.80 -12.33
C ARG B 27 24.16 10.05 -13.12
N GLU B 28 24.26 9.97 -14.44
CA GLU B 28 23.97 11.12 -15.30
C GLU B 28 22.60 11.06 -15.94
N GLU B 29 22.36 12.01 -16.84
CA GLU B 29 21.11 12.06 -17.58
C GLU B 29 21.53 11.83 -19.03
N GLY B 30 20.96 10.80 -19.64
CA GLY B 30 21.30 10.46 -21.01
C GLY B 30 21.37 11.61 -22.00
N ILE B 31 20.34 12.45 -22.03
CA ILE B 31 20.31 13.56 -22.97
C ILE B 31 21.41 14.58 -22.72
N ASP B 32 21.86 14.71 -21.48
CA ASP B 32 22.94 15.65 -21.18
C ASP B 32 24.26 15.12 -21.72
N GLU B 33 24.47 13.81 -21.58
CA GLU B 33 25.69 13.18 -22.06
C GLU B 33 25.72 13.20 -23.58
N LEU B 34 24.55 13.09 -24.20
CA LEU B 34 24.44 13.11 -25.65
C LEU B 34 24.81 14.51 -26.14
N ALA B 35 24.31 15.53 -25.43
CA ALA B 35 24.58 16.91 -25.81
C ALA B 35 26.09 17.17 -25.74
N LYS B 36 26.75 16.63 -24.73
CA LYS B 36 28.19 16.81 -24.57
C LYS B 36 28.96 16.24 -25.74
N ILE B 37 28.68 14.98 -26.07
CA ILE B 37 29.39 14.33 -27.17
C ILE B 37 29.08 15.03 -28.50
N CYS B 38 27.95 15.72 -28.57
CA CYS B 38 27.56 16.44 -29.77
C CYS B 38 28.05 17.88 -29.74
N GLY B 39 28.77 18.23 -28.66
CA GLY B 39 29.32 19.56 -28.52
C GLY B 39 28.33 20.71 -28.37
N VAL B 40 27.24 20.48 -27.65
CA VAL B 40 26.24 21.52 -27.46
C VAL B 40 25.78 21.61 -26.00
N GLU B 41 26.67 21.23 -25.09
CA GLU B 41 26.36 21.28 -23.66
C GLU B 41 25.97 22.70 -23.25
N ASP B 42 26.69 23.68 -23.78
CA ASP B 42 26.44 25.09 -23.48
C ASP B 42 25.02 25.49 -23.87
N ALA B 43 24.72 25.37 -25.17
CA ALA B 43 23.41 25.74 -25.69
C ALA B 43 22.29 25.06 -24.89
N VAL B 44 22.46 23.78 -24.60
CA VAL B 44 21.47 23.03 -23.85
C VAL B 44 21.52 23.43 -22.37
N SER B 45 20.68 24.40 -22.00
CA SER B 45 20.63 24.89 -20.63
C SER B 45 19.26 25.47 -20.30
N GLU B 46 18.69 26.20 -21.25
CA GLU B 46 17.38 26.82 -21.07
C GLU B 46 16.31 25.77 -20.74
N PRO B 57 5.29 21.59 -20.43
CA PRO B 57 5.15 20.67 -21.56
C PRO B 57 6.43 19.88 -21.83
N PHE B 58 6.39 18.59 -21.50
CA PHE B 58 7.54 17.72 -21.69
C PHE B 58 7.92 17.57 -23.16
N LYS B 59 6.92 17.27 -23.99
CA LYS B 59 7.13 17.08 -25.42
C LYS B 59 7.80 18.27 -26.10
N ALA B 60 7.26 19.46 -25.85
CA ALA B 60 7.81 20.68 -26.46
C ALA B 60 9.26 20.90 -26.04
N ALA B 61 9.54 20.63 -24.77
CA ALA B 61 10.89 20.80 -24.24
C ALA B 61 11.88 19.81 -24.87
N LEU B 62 11.44 18.56 -25.02
CA LEU B 62 12.30 17.54 -25.62
C LEU B 62 12.61 17.89 -27.06
N THR B 63 11.60 18.37 -27.78
CA THR B 63 11.75 18.76 -29.18
C THR B 63 12.80 19.86 -29.32
N GLU B 64 12.71 20.85 -28.43
CA GLU B 64 13.63 21.99 -28.44
C GLU B 64 15.07 21.55 -28.18
N ARG B 65 15.27 20.77 -27.11
CA ARG B 65 16.61 20.30 -26.77
C ARG B 65 17.21 19.47 -27.90
N LEU B 66 16.41 18.56 -28.45
CA LEU B 66 16.88 17.72 -29.53
C LEU B 66 17.12 18.55 -30.78
N ALA B 67 16.38 19.65 -30.91
CA ALA B 67 16.53 20.55 -32.04
C ALA B 67 17.93 21.16 -32.04
N LEU B 68 18.45 21.36 -30.84
CA LEU B 68 19.79 21.93 -30.67
C LEU B 68 20.87 20.86 -30.82
N ILE B 69 20.63 19.71 -30.22
CA ILE B 69 21.59 18.61 -30.27
C ILE B 69 21.70 17.97 -31.65
N GLN B 70 20.56 17.71 -32.27
CA GLN B 70 20.51 17.07 -33.59
C GLN B 70 21.51 15.92 -33.69
N PRO B 71 21.39 14.93 -32.80
CA PRO B 71 22.29 13.78 -32.78
C PRO B 71 22.17 12.87 -33.99
N SER B 72 23.31 12.53 -34.59
CA SER B 72 23.33 11.63 -35.73
C SER B 72 23.41 10.23 -35.17
N ARG B 73 23.05 9.23 -35.98
CA ARG B 73 23.11 7.86 -35.50
C ARG B 73 24.52 7.50 -35.07
N GLU B 74 25.52 8.00 -35.79
CA GLU B 74 26.91 7.72 -35.47
C GLU B 74 27.29 8.28 -34.10
N GLN B 75 26.77 9.46 -33.77
CA GLN B 75 27.06 10.09 -32.50
C GLN B 75 26.43 9.32 -31.35
N VAL B 76 25.23 8.81 -31.57
CA VAL B 76 24.55 8.03 -30.53
C VAL B 76 25.35 6.75 -30.33
N GLN B 77 25.75 6.16 -31.46
CA GLN B 77 26.53 4.93 -31.45
C GLN B 77 27.86 5.14 -30.73
N ARG B 78 28.45 6.32 -30.93
CA ARG B 78 29.73 6.64 -30.31
C ARG B 78 29.58 6.86 -28.81
N LEU B 79 28.46 7.46 -28.40
CA LEU B 79 28.22 7.71 -26.98
C LEU B 79 28.15 6.36 -26.27
N ILE B 80 27.41 5.43 -26.88
CA ILE B 80 27.24 4.09 -26.32
C ILE B 80 28.55 3.31 -26.22
N ALA B 81 29.41 3.45 -27.22
CA ALA B 81 30.67 2.72 -27.21
C ALA B 81 31.82 3.41 -26.49
N GLU B 82 31.83 4.73 -26.47
CA GLU B 82 32.92 5.47 -25.83
C GLU B 82 32.60 6.16 -24.51
N GLN B 83 31.39 6.72 -24.39
CA GLN B 83 31.01 7.43 -23.18
C GLN B 83 29.69 6.94 -22.60
N PRO B 84 29.60 5.64 -22.30
CA PRO B 84 28.34 5.10 -21.73
C PRO B 84 28.13 5.63 -20.32
N PRO B 85 26.86 5.85 -19.94
CA PRO B 85 26.54 6.36 -18.60
C PRO B 85 27.06 5.41 -17.53
N HIS B 86 27.26 5.92 -16.32
CA HIS B 86 27.76 5.08 -15.22
C HIS B 86 26.64 4.62 -14.30
N LEU B 87 26.68 3.34 -13.91
CA LEU B 87 25.66 2.79 -13.03
C LEU B 87 25.81 3.32 -11.62
N THR B 88 24.68 3.66 -11.00
CA THR B 88 24.69 4.15 -9.64
C THR B 88 25.07 2.98 -8.73
N PRO B 89 25.98 3.21 -7.77
CA PRO B 89 26.40 2.14 -6.86
C PRO B 89 25.26 1.37 -6.21
N GLY B 90 25.34 0.05 -6.29
CA GLY B 90 24.32 -0.81 -5.68
C GLY B 90 23.18 -1.23 -6.57
N ILE B 91 22.98 -0.56 -7.71
CA ILE B 91 21.86 -0.92 -8.57
C ILE B 91 21.98 -2.33 -9.17
N ARG B 92 23.19 -2.78 -9.51
CA ARG B 92 23.35 -4.13 -10.06
C ARG B 92 22.82 -5.18 -9.09
N GLU B 93 23.25 -5.08 -7.83
CA GLU B 93 22.85 -6.02 -6.80
C GLU B 93 21.36 -5.93 -6.49
N LEU B 94 20.82 -4.71 -6.48
CA LEU B 94 19.41 -4.53 -6.18
C LEU B 94 18.56 -5.20 -7.27
N VAL B 95 18.86 -4.91 -8.52
CA VAL B 95 18.11 -5.50 -9.62
C VAL B 95 18.24 -7.02 -9.57
N SER B 96 19.45 -7.50 -9.31
CA SER B 96 19.67 -8.94 -9.25
C SER B 96 18.83 -9.60 -8.16
N ARG B 97 18.77 -8.98 -6.98
CA ARG B 97 17.99 -9.53 -5.88
C ARG B 97 16.51 -9.57 -6.23
N LEU B 98 16.03 -8.53 -6.90
CA LEU B 98 14.62 -8.49 -7.28
C LEU B 98 14.31 -9.59 -8.29
N GLN B 99 15.18 -9.75 -9.29
CA GLN B 99 14.96 -10.79 -10.29
C GLN B 99 15.00 -12.17 -9.66
N GLU B 100 15.86 -12.34 -8.66
CA GLU B 100 15.99 -13.62 -7.97
C GLU B 100 14.66 -13.99 -7.30
N ARG B 101 13.97 -12.97 -6.79
CA ARG B 101 12.68 -13.18 -6.13
C ARG B 101 11.56 -13.20 -7.16
N ASN B 102 11.94 -13.23 -8.43
CA ASN B 102 10.99 -13.25 -9.55
C ASN B 102 10.08 -12.02 -9.63
N VAL B 103 10.62 -10.87 -9.26
CA VAL B 103 9.91 -9.60 -9.32
C VAL B 103 10.26 -9.07 -10.72
N GLN B 104 9.26 -8.62 -11.47
CA GLN B 104 9.51 -8.08 -12.80
C GLN B 104 10.11 -6.70 -12.65
N VAL B 105 11.25 -6.46 -13.31
CA VAL B 105 11.92 -5.17 -13.23
C VAL B 105 11.86 -4.43 -14.57
N PHE B 106 11.46 -3.16 -14.48
CA PHE B 106 11.31 -2.32 -15.67
C PHE B 106 12.14 -1.05 -15.55
N LEU B 107 12.47 -0.49 -16.70
CA LEU B 107 13.20 0.77 -16.77
C LEU B 107 12.29 1.70 -17.55
N ILE B 108 12.01 2.88 -17.02
CA ILE B 108 11.16 3.84 -17.70
C ILE B 108 11.96 5.14 -17.79
N SER B 109 11.99 5.76 -18.97
CA SER B 109 12.76 6.98 -19.12
C SER B 109 12.27 7.89 -20.23
N GLY B 110 12.50 9.18 -20.04
CA GLY B 110 12.16 10.16 -21.05
C GLY B 110 13.36 10.18 -21.99
N GLY B 111 14.33 9.34 -21.65
CA GLY B 111 15.54 9.20 -22.41
C GLY B 111 15.31 8.41 -23.69
N PHE B 112 16.36 7.82 -24.22
CA PHE B 112 16.27 7.10 -25.48
C PHE B 112 16.60 5.62 -25.44
N ARG B 113 15.73 4.82 -26.07
CA ARG B 113 15.87 3.37 -26.12
C ARG B 113 17.27 2.87 -26.48
N SER B 114 17.87 3.49 -27.48
CA SER B 114 19.21 3.08 -27.92
C SER B 114 20.16 3.09 -26.73
N ILE B 115 20.10 4.16 -25.95
CA ILE B 115 20.96 4.31 -24.78
C ILE B 115 20.46 3.48 -23.59
N VAL B 116 19.17 3.53 -23.32
CA VAL B 116 18.59 2.79 -22.21
C VAL B 116 18.71 1.27 -22.37
N GLU B 117 18.57 0.76 -23.59
CA GLU B 117 18.68 -0.70 -23.76
C GLU B 117 20.09 -1.15 -23.42
N HIS B 118 21.06 -0.25 -23.55
CA HIS B 118 22.44 -0.56 -23.22
C HIS B 118 22.54 -0.73 -21.70
N VAL B 119 21.87 0.15 -20.96
CA VAL B 119 21.87 0.08 -19.50
C VAL B 119 21.14 -1.20 -19.07
N ALA B 120 20.02 -1.49 -19.71
CA ALA B 120 19.24 -2.68 -19.39
C ALA B 120 20.03 -3.96 -19.55
N SER B 121 20.81 -4.07 -20.61
CA SER B 121 21.61 -5.28 -20.84
C SER B 121 22.59 -5.52 -19.69
N LYS B 122 23.19 -4.44 -19.18
CA LYS B 122 24.15 -4.56 -18.09
C LYS B 122 23.46 -5.02 -16.80
N LEU B 123 22.14 -4.87 -16.75
CA LEU B 123 21.37 -5.26 -15.57
C LEU B 123 20.51 -6.49 -15.81
N ASN B 124 20.69 -7.14 -16.96
CA ASN B 124 19.93 -8.33 -17.29
C ASN B 124 18.43 -8.05 -17.35
N ILE B 125 18.08 -6.82 -17.71
CA ILE B 125 16.67 -6.45 -17.85
C ILE B 125 16.34 -6.59 -19.33
N PRO B 126 15.36 -7.44 -19.67
CA PRO B 126 15.00 -7.63 -21.07
C PRO B 126 14.53 -6.35 -21.74
N ALA B 127 14.80 -6.23 -23.03
CA ALA B 127 14.43 -5.05 -23.80
C ALA B 127 12.92 -4.82 -23.76
N THR B 128 12.15 -5.88 -23.58
CA THR B 128 10.69 -5.79 -23.50
C THR B 128 10.26 -5.05 -22.24
N ASN B 129 11.18 -4.92 -21.30
CA ASN B 129 10.89 -4.26 -20.04
C ASN B 129 11.43 -2.83 -19.99
N VAL B 130 11.81 -2.33 -21.15
CA VAL B 130 12.33 -0.97 -21.28
C VAL B 130 11.30 -0.11 -22.01
N PHE B 131 10.97 1.02 -21.41
CA PHE B 131 10.02 1.96 -22.01
C PHE B 131 10.74 3.30 -22.05
N ALA B 132 10.97 3.79 -23.26
CA ALA B 132 11.67 5.05 -23.43
C ALA B 132 11.35 5.65 -24.80
N ASN B 133 11.87 6.83 -25.05
CA ASN B 133 11.65 7.49 -26.31
C ASN B 133 12.54 6.85 -27.37
N ARG B 134 12.16 7.03 -28.63
CA ARG B 134 12.93 6.45 -29.74
C ARG B 134 13.32 7.54 -30.72
N LEU B 135 14.62 7.68 -30.94
CA LEU B 135 15.12 8.67 -31.88
C LEU B 135 14.93 8.18 -33.30
N LYS B 136 14.71 9.12 -34.22
CA LYS B 136 14.53 8.79 -35.63
C LYS B 136 15.72 9.36 -36.39
N PHE B 137 16.15 8.64 -37.43
CA PHE B 137 17.29 9.06 -38.23
C PHE B 137 16.99 8.89 -39.71
N TYR B 138 17.58 9.75 -40.53
CA TYR B 138 17.38 9.64 -41.97
C TYR B 138 18.31 8.54 -42.47
N PHE B 139 18.20 8.19 -43.75
CA PHE B 139 19.03 7.14 -44.31
C PHE B 139 20.52 7.38 -44.06
N ASN B 140 20.96 8.63 -44.17
CA ASN B 140 22.36 8.97 -43.97
C ASN B 140 22.74 9.13 -42.50
N GLY B 141 21.78 8.86 -41.61
CA GLY B 141 22.06 8.95 -40.18
C GLY B 141 21.76 10.27 -39.51
N GLU B 142 21.35 11.29 -40.26
CA GLU B 142 21.04 12.58 -39.67
C GLU B 142 19.81 12.53 -38.78
N TYR B 143 19.80 13.35 -37.72
CA TYR B 143 18.68 13.40 -36.80
C TYR B 143 17.39 13.68 -37.56
N ALA B 144 16.36 12.88 -37.30
CA ALA B 144 15.09 13.04 -37.98
C ALA B 144 13.88 13.17 -37.06
N GLY B 145 14.13 13.38 -35.77
CA GLY B 145 13.04 13.52 -34.81
C GLY B 145 12.96 12.37 -33.83
N PHE B 146 11.77 12.14 -33.29
CA PHE B 146 11.57 11.03 -32.35
C PHE B 146 10.12 10.55 -32.39
N ASP B 147 9.90 9.34 -31.90
CA ASP B 147 8.57 8.74 -31.89
C ASP B 147 7.66 9.44 -30.89
N GLU B 148 6.82 10.32 -31.40
CA GLU B 148 5.90 11.09 -30.58
C GLU B 148 4.68 10.30 -30.08
N THR B 149 4.58 9.03 -30.48
CA THR B 149 3.47 8.20 -30.05
C THR B 149 3.78 7.46 -28.75
N GLN B 150 5.02 7.57 -28.29
CA GLN B 150 5.45 6.91 -27.06
C GLN B 150 4.89 7.64 -25.84
N PRO B 151 4.47 6.88 -24.81
CA PRO B 151 3.93 7.53 -23.61
C PRO B 151 4.96 8.41 -22.92
N THR B 152 6.23 8.02 -23.01
CA THR B 152 7.32 8.77 -22.39
C THR B 152 7.68 10.02 -23.21
N ALA B 153 6.93 10.25 -24.27
CA ALA B 153 7.17 11.41 -25.14
C ALA B 153 6.35 12.62 -24.69
N GLU B 154 5.42 12.40 -23.76
CA GLU B 154 4.58 13.49 -23.27
C GLU B 154 4.57 13.56 -21.75
N SER B 155 3.92 14.59 -21.22
CA SER B 155 3.83 14.79 -19.78
C SER B 155 3.10 13.62 -19.12
N GLY B 156 3.58 13.23 -17.94
CA GLY B 156 2.95 12.13 -17.22
C GLY B 156 3.27 10.78 -17.81
N GLY B 157 4.40 10.69 -18.51
CA GLY B 157 4.80 9.45 -19.14
C GLY B 157 5.00 8.29 -18.18
N LYS B 158 5.68 8.54 -17.07
CA LYS B 158 5.94 7.52 -16.06
C LYS B 158 4.63 6.83 -15.66
N GLY B 159 3.63 7.63 -15.31
CA GLY B 159 2.34 7.09 -14.90
C GLY B 159 1.58 6.34 -15.98
N LYS B 160 1.66 6.84 -17.21
CA LYS B 160 0.97 6.22 -18.33
C LYS B 160 1.51 4.82 -18.63
N VAL B 161 2.83 4.69 -18.57
CA VAL B 161 3.47 3.40 -18.82
C VAL B 161 3.01 2.39 -17.77
N ILE B 162 2.97 2.83 -16.52
CA ILE B 162 2.58 1.95 -15.42
C ILE B 162 1.10 1.58 -15.52
N LYS B 163 0.29 2.52 -15.96
CA LYS B 163 -1.13 2.24 -16.11
C LYS B 163 -1.24 1.09 -17.11
N LEU B 164 -0.44 1.17 -18.17
CA LEU B 164 -0.43 0.15 -19.21
C LEU B 164 0.07 -1.19 -18.68
N LEU B 165 1.11 -1.15 -17.84
CA LEU B 165 1.66 -2.37 -17.26
C LEU B 165 0.63 -3.05 -16.34
N LYS B 166 -0.05 -2.26 -15.53
CA LYS B 166 -1.06 -2.80 -14.63
C LYS B 166 -2.20 -3.42 -15.42
N GLU B 167 -2.59 -2.76 -16.51
CA GLU B 167 -3.68 -3.27 -17.34
C GLU B 167 -3.34 -4.56 -18.07
N LYS B 168 -2.09 -4.69 -18.50
CA LYS B 168 -1.66 -5.87 -19.24
C LYS B 168 -1.25 -7.04 -18.34
N PHE B 169 -0.37 -6.76 -17.38
CA PHE B 169 0.17 -7.79 -16.50
C PHE B 169 -0.61 -8.03 -15.21
N HIS B 170 -1.52 -7.12 -14.89
CA HIS B 170 -2.34 -7.25 -13.71
C HIS B 170 -1.53 -7.26 -12.41
N PHE B 171 -0.45 -6.50 -12.39
CA PHE B 171 0.39 -6.42 -11.18
C PHE B 171 -0.41 -5.87 -10.01
N LYS B 172 -0.18 -6.45 -8.84
CA LYS B 172 -0.89 -6.07 -7.63
C LYS B 172 -0.12 -5.14 -6.72
N LYS B 173 1.21 -5.14 -6.86
CA LYS B 173 2.04 -4.28 -6.05
C LYS B 173 3.24 -3.80 -6.84
N ILE B 174 3.04 -2.70 -7.57
CA ILE B 174 4.09 -2.11 -8.39
C ILE B 174 4.74 -0.95 -7.65
N ILE B 175 6.07 -0.97 -7.57
CA ILE B 175 6.81 0.08 -6.90
C ILE B 175 7.54 0.93 -7.93
N MET B 176 7.43 2.25 -7.79
CA MET B 176 8.11 3.19 -8.68
C MET B 176 9.27 3.78 -7.88
N ILE B 177 10.46 3.77 -8.46
CA ILE B 177 11.65 4.31 -7.80
C ILE B 177 12.31 5.35 -8.69
N GLY B 178 12.46 6.57 -8.18
CA GLY B 178 13.07 7.62 -8.98
C GLY B 178 13.36 8.85 -8.16
N ASP B 179 14.09 9.78 -8.77
CA ASP B 179 14.49 11.00 -8.08
C ASP B 179 13.54 12.19 -8.27
N GLY B 180 12.69 12.14 -9.29
CA GLY B 180 11.84 13.30 -9.54
C GLY B 180 10.36 13.33 -9.28
N ALA B 181 9.79 14.50 -9.55
CA ALA B 181 8.37 14.74 -9.39
C ALA B 181 7.55 13.93 -10.38
N THR B 182 8.16 13.57 -11.51
CA THR B 182 7.41 12.79 -12.48
C THR B 182 7.32 11.35 -12.01
N ASP B 183 8.29 10.93 -11.21
CA ASP B 183 8.32 9.56 -10.68
C ASP B 183 7.35 9.46 -9.52
N MET B 184 7.54 10.32 -8.53
CA MET B 184 6.70 10.35 -7.35
C MET B 184 5.23 10.41 -7.73
N GLU B 185 4.96 11.12 -8.83
CA GLU B 185 3.61 11.29 -9.34
C GLU B 185 3.00 10.04 -9.99
N ALA B 186 3.83 9.17 -10.55
CA ALA B 186 3.33 7.96 -11.19
C ALA B 186 2.71 7.02 -10.16
N CYS B 187 2.53 7.55 -8.95
CA CYS B 187 1.96 6.80 -7.85
C CYS B 187 0.72 7.60 -7.39
N PRO B 188 -0.49 7.20 -7.83
CA PRO B 188 -0.85 6.10 -8.73
C PRO B 188 -0.59 6.41 -10.20
N PRO B 189 -0.73 5.42 -11.08
CA PRO B 189 -1.14 4.04 -10.78
C PRO B 189 -0.26 3.16 -9.89
N ALA B 190 1.01 3.52 -9.70
CA ALA B 190 1.90 2.70 -8.86
C ALA B 190 1.37 2.54 -7.44
N ASP B 191 1.64 1.39 -6.82
CA ASP B 191 1.18 1.13 -5.46
C ASP B 191 2.06 1.74 -4.39
N ALA B 192 3.34 1.94 -4.71
CA ALA B 192 4.28 2.53 -3.77
C ALA B 192 5.33 3.34 -4.51
N PHE B 193 5.89 4.33 -3.83
CA PHE B 193 6.93 5.17 -4.42
C PHE B 193 8.09 5.31 -3.45
N ILE B 194 9.30 5.20 -3.99
CA ILE B 194 10.50 5.38 -3.18
C ILE B 194 11.37 6.40 -3.89
N GLY B 195 11.53 7.56 -3.27
CA GLY B 195 12.37 8.59 -3.87
C GLY B 195 13.84 8.23 -3.73
N PHE B 196 14.63 8.60 -4.73
CA PHE B 196 16.07 8.30 -4.70
C PHE B 196 16.88 9.57 -4.91
N GLY B 197 17.69 9.91 -3.92
CA GLY B 197 18.50 11.12 -4.00
C GLY B 197 20.00 10.89 -3.96
N GLY B 198 20.43 9.75 -4.51
CA GLY B 198 21.85 9.45 -4.51
C GLY B 198 22.64 10.33 -5.49
N ASN B 199 21.94 10.88 -6.47
CA ASN B 199 22.58 11.73 -7.47
C ASN B 199 21.97 13.12 -7.51
N VAL B 200 20.65 13.19 -7.37
CA VAL B 200 19.94 14.46 -7.38
C VAL B 200 18.92 14.45 -6.25
N ILE B 201 19.01 15.45 -5.37
CA ILE B 201 18.06 15.57 -4.27
C ILE B 201 17.12 16.71 -4.60
N ARG B 202 15.83 16.38 -4.72
CA ARG B 202 14.81 17.38 -5.02
C ARG B 202 13.98 17.53 -3.75
N GLN B 203 14.08 18.71 -3.12
CA GLN B 203 13.34 18.94 -1.88
C GLN B 203 11.85 18.67 -2.08
N GLN B 204 11.37 18.93 -3.28
CA GLN B 204 9.97 18.72 -3.65
C GLN B 204 9.57 17.28 -3.31
N VAL B 205 10.45 16.36 -3.64
CA VAL B 205 10.22 14.94 -3.42
C VAL B 205 10.56 14.55 -1.99
N LYS B 206 11.75 14.93 -1.54
CA LYS B 206 12.20 14.59 -0.21
C LYS B 206 11.27 15.08 0.90
N ASP B 207 10.70 16.27 0.71
CA ASP B 207 9.81 16.85 1.72
C ASP B 207 8.43 16.22 1.78
N ASN B 208 8.03 15.52 0.72
CA ASN B 208 6.68 14.97 0.67
C ASN B 208 6.48 13.48 0.52
N ALA B 209 7.52 12.77 0.13
CA ALA B 209 7.42 11.32 -0.05
C ALA B 209 7.69 10.63 1.28
N LYS B 210 6.88 9.64 1.61
CA LYS B 210 7.08 8.91 2.85
C LYS B 210 8.38 8.12 2.81
N TRP B 211 8.66 7.54 1.65
CA TRP B 211 9.87 6.74 1.48
C TRP B 211 10.89 7.45 0.60
N TYR B 212 12.08 7.68 1.16
CA TYR B 212 13.12 8.37 0.44
C TYR B 212 14.47 7.84 0.89
N ILE B 213 15.32 7.47 -0.07
CA ILE B 213 16.64 6.96 0.26
C ILE B 213 17.66 7.66 -0.61
N THR B 214 18.93 7.58 -0.21
CA THR B 214 19.99 8.22 -0.99
C THR B 214 21.10 7.24 -1.34
N ASP B 215 20.90 5.97 -1.01
CA ASP B 215 21.92 4.97 -1.29
C ASP B 215 21.33 3.57 -1.50
N PHE B 216 21.54 3.00 -2.67
CA PHE B 216 21.03 1.66 -2.97
C PHE B 216 21.82 0.61 -2.16
N VAL B 217 23.11 0.85 -1.99
CA VAL B 217 23.96 -0.08 -1.23
C VAL B 217 23.46 -0.15 0.20
N GLU B 218 22.92 0.97 0.68
CA GLU B 218 22.38 1.06 2.03
C GLU B 218 21.11 0.21 2.08
N LEU B 219 20.22 0.45 1.11
CA LEU B 219 18.97 -0.29 1.01
C LEU B 219 19.22 -1.79 0.98
N LEU B 220 20.33 -2.18 0.37
CA LEU B 220 20.69 -3.59 0.27
C LEU B 220 21.04 -4.18 1.63
N GLY B 221 21.55 -3.33 2.52
CA GLY B 221 21.92 -3.79 3.85
C GLY B 221 20.75 -4.41 4.59
CL CL C . -9.74 -5.11 14.91
CL CL D . -9.25 -6.83 28.74
CL CL E . -11.07 -2.13 22.60
CA CA F . -12.32 -2.03 12.32
CL CL G . 16.81 5.74 -29.54
CL CL H . 18.91 8.55 -22.60
CL CL I . 12.59 10.72 -17.35
CA CA J . 15.26 10.97 -13.23
CA CA K . -0.86 9.57 -11.70
#